data_9WHV
#
_entry.id   9WHV
#
_entity_poly.entity_id   1
_entity_poly.type   'polyribonucleotide'
_entity_poly.pdbx_seq_one_letter_code
;GUUAGGGUUA
;
_entity_poly.pdbx_strand_id   A,B,C,D,E,F,G,H
#